data_8UKI
#
_entry.id   8UKI
#
_cell.length_a   42.680
_cell.length_b   133.280
_cell.length_c   43.360
_cell.angle_alpha   90.00
_cell.angle_beta   111.26
_cell.angle_gamma   90.00
#
_symmetry.space_group_name_H-M   'P 1 21 1'
#
loop_
_entity.id
_entity.type
_entity.pdbx_description
1 polymer '04_A06 Fab Heavy Chain'
2 polymer '04_A06 Fab Light Chain'
3 water water
#
loop_
_entity_poly.entity_id
_entity_poly.type
_entity_poly.pdbx_seq_one_letter_code
_entity_poly.pdbx_strand_id
1 'polypeptide(L)'
;SVRLDQSGTAVKKPGASVRVSCRAPDSFTVYRPRLSAYFIGEFNIHWLRQAPGQGLEWLGFVNIFRGAVKYSSRFQGRIT
ITRDTSSETSYLDLGALKADDTATYYCAWDKNVDDNPWRLDSWGQGTLVIVSSASTKGPSVFPLAPSSKSTSGGTAALGC
LVKDYFPEPVTVSWNSGALTSGVHTFPAVLQSSGLYSLSSVVTVPSSSLGTQTYICNVNHKPSNTKVDKRVEPKSCDKTH
HHHHH
;
H
2 'polypeptide(L)'
;YIQVTQSPSSLSASIGDTITVACEVSQDVGWAVNWYHQRPGRPPYNLIYTAHNLAPGVASRFRGSRVGTYFTLTINNLLP
EDVGTYYCQVFDSFAPGGTRVDLRGTVAAPSVFIFPPSDEQLKSGTASVVCLLNNFYPREAKVQWKVDNALQSGNSQESV
TEQDSKDSTYSLSSTLTLSKADYEKHKVYACEVTHQGLSSPVTKSFNRGEC
;
L
#
# COMPACT_ATOMS: atom_id res chain seq x y z
N VAL A 2 16.64 11.19 -13.64
CA VAL A 2 17.57 10.13 -13.98
C VAL A 2 16.91 8.77 -13.80
N ARG A 3 17.36 7.79 -14.58
CA ARG A 3 16.85 6.42 -14.49
C ARG A 3 17.53 5.69 -13.33
N LEU A 4 16.74 5.13 -12.42
CA LEU A 4 17.26 4.33 -11.31
C LEU A 4 16.68 2.94 -11.39
N ASP A 5 17.55 1.93 -11.41
CA ASP A 5 17.18 0.53 -11.48
C ASP A 5 17.55 -0.15 -10.17
N GLN A 6 16.63 -0.96 -9.63
CA GLN A 6 16.89 -1.58 -8.34
C GLN A 6 16.90 -3.11 -8.46
N SER A 7 17.52 -3.75 -7.48
CA SER A 7 17.53 -5.21 -7.38
C SER A 7 16.14 -5.73 -7.02
N GLY A 8 15.98 -7.07 -7.08
CA GLY A 8 14.69 -7.71 -6.93
C GLY A 8 14.30 -8.00 -5.49
N THR A 9 13.11 -8.60 -5.35
CA THR A 9 12.57 -8.90 -4.03
C THR A 9 13.51 -9.76 -3.21
N ALA A 10 13.62 -9.45 -1.92
CA ALA A 10 14.40 -10.23 -0.97
C ALA A 10 13.49 -10.71 0.16
N VAL A 11 13.58 -11.99 0.50
CA VAL A 11 12.86 -12.56 1.64
C VAL A 11 13.90 -13.07 2.64
N LYS A 12 13.81 -12.58 3.88
CA LYS A 12 14.85 -12.82 4.88
C LYS A 12 14.24 -13.26 6.21
N LYS A 13 15.06 -14.00 7.01
CA LYS A 13 14.73 -14.33 8.39
C LYS A 13 15.18 -13.21 9.32
N PRO A 14 14.52 -13.02 10.46
CA PRO A 14 15.01 -12.04 11.42
C PRO A 14 16.45 -12.34 11.80
N GLY A 15 17.25 -11.27 11.91
CA GLY A 15 18.67 -11.39 12.23
C GLY A 15 19.58 -11.49 11.03
N ALA A 16 19.03 -11.77 9.85
CA ALA A 16 19.80 -11.84 8.62
C ALA A 16 20.15 -10.44 8.13
N SER A 17 20.87 -10.38 7.00
CA SER A 17 21.32 -9.16 6.37
C SER A 17 20.74 -9.10 4.96
N VAL A 18 20.48 -7.89 4.45
CA VAL A 18 20.07 -7.73 3.07
C VAL A 18 20.97 -6.70 2.40
N ARG A 19 21.29 -6.94 1.12
CA ARG A 19 21.98 -5.95 0.29
C ARG A 19 21.02 -5.60 -0.84
N VAL A 20 20.57 -4.35 -0.87
CA VAL A 20 19.73 -3.82 -1.94
C VAL A 20 20.63 -2.98 -2.83
N SER A 21 20.50 -3.17 -4.14
CA SER A 21 21.32 -2.48 -5.13
C SER A 21 20.49 -1.45 -5.87
N CYS A 22 21.12 -0.33 -6.24
CA CYS A 22 20.50 0.73 -7.03
C CYS A 22 21.49 1.24 -8.05
N ARG A 23 21.13 1.17 -9.33
CA ARG A 23 22.02 1.59 -10.40
C ARG A 23 21.48 2.82 -11.11
N ALA A 24 22.35 3.78 -11.39
CA ALA A 24 21.97 5.02 -12.05
C ALA A 24 22.78 5.17 -13.33
N PRO A 25 22.43 4.41 -14.38
CA PRO A 25 23.31 4.33 -15.56
C PRO A 25 23.47 5.69 -16.21
N ASP A 26 24.72 6.02 -16.55
CA ASP A 26 25.09 7.27 -17.22
C ASP A 26 24.78 8.52 -16.41
N SER A 27 24.61 8.44 -15.09
CA SER A 27 24.31 9.63 -14.31
C SER A 27 25.36 10.02 -13.27
N PHE A 28 26.40 9.20 -13.06
CA PHE A 28 27.37 9.56 -12.03
C PHE A 28 28.28 10.71 -12.45
N THR A 29 28.49 10.90 -13.76
CA THR A 29 29.52 11.84 -14.20
C THR A 29 28.90 13.10 -14.80
N VAL A 30 29.73 14.14 -14.83
CA VAL A 30 29.34 15.45 -15.34
C VAL A 30 30.43 15.92 -16.29
N TYR A 31 30.03 16.53 -17.40
CA TYR A 31 31.02 17.03 -18.34
C TYR A 31 31.72 18.24 -17.73
N ARG A 32 33.05 18.22 -17.74
CA ARG A 32 33.84 19.33 -17.21
C ARG A 32 34.68 19.90 -18.33
N PRO A 33 34.35 21.10 -18.86
CA PRO A 33 35.10 21.64 -20.00
C PRO A 33 36.61 21.71 -19.80
N ARG A 34 37.09 22.04 -18.59
CA ARG A 34 38.53 22.17 -18.39
C ARG A 34 39.24 20.84 -18.62
N LEU A 35 38.61 19.73 -18.24
CA LEU A 35 39.15 18.41 -18.50
C LEU A 35 38.73 17.85 -19.86
N SER A 36 37.86 18.56 -20.58
CA SER A 36 37.31 18.12 -21.86
C SER A 36 36.78 16.68 -21.78
N ALA A 37 36.20 16.33 -20.63
CA ALA A 37 35.75 14.96 -20.40
C ALA A 37 34.73 14.93 -19.26
N TYR A 38 34.03 13.81 -19.17
CA TYR A 38 33.11 13.52 -18.08
C TYR A 38 33.88 13.07 -16.84
N PHE A 39 33.48 13.60 -15.67
CA PHE A 39 34.11 13.28 -14.40
C PHE A 39 33.05 13.06 -13.33
N ILE A 40 33.41 12.29 -12.31
CA ILE A 40 32.50 11.93 -11.22
C ILE A 40 31.95 13.20 -10.57
N GLY A 41 30.62 13.24 -10.39
CA GLY A 41 29.95 14.38 -9.80
C GLY A 41 29.86 14.32 -8.28
N GLU A 42 29.04 15.20 -7.73
CA GLU A 42 28.91 15.33 -6.27
C GLU A 42 27.50 15.05 -5.79
N PHE A 43 26.79 14.18 -6.50
CA PHE A 43 25.40 13.86 -6.23
C PHE A 43 25.26 12.98 -4.99
N ASN A 44 24.09 13.01 -4.38
CA ASN A 44 23.75 12.11 -3.28
C ASN A 44 22.78 11.05 -3.75
N ILE A 45 22.99 9.81 -3.33
CA ILE A 45 21.99 8.77 -3.52
C ILE A 45 21.42 8.45 -2.14
N HIS A 46 20.12 8.64 -1.99
CA HIS A 46 19.41 8.45 -0.74
C HIS A 46 18.72 7.09 -0.74
N TRP A 47 18.54 6.55 0.44
CA TRP A 47 17.80 5.32 0.62
C TRP A 47 16.65 5.58 1.59
N LEU A 48 15.44 5.20 1.19
CA LEU A 48 14.24 5.40 1.98
C LEU A 48 13.42 4.12 1.96
N ARG A 49 12.39 4.06 2.79
CA ARG A 49 11.53 2.90 2.75
C ARG A 49 10.10 3.29 3.11
N GLN A 50 9.19 2.39 2.79
CA GLN A 50 7.78 2.57 3.10
C GLN A 50 7.21 1.22 3.52
N ALA A 51 6.82 1.10 4.78
CA ALA A 51 6.18 -0.11 5.24
C ALA A 51 4.73 -0.16 4.77
N PRO A 52 4.13 -1.36 4.71
CA PRO A 52 2.76 -1.46 4.19
C PRO A 52 1.81 -0.53 4.94
N GLY A 53 1.10 0.31 4.17
CA GLY A 53 0.12 1.22 4.71
C GLY A 53 0.66 2.48 5.37
N GLN A 54 1.97 2.64 5.47
CA GLN A 54 2.58 3.73 6.23
C GLN A 54 3.16 4.77 5.28
N GLY A 55 3.78 5.79 5.89
CA GLY A 55 4.43 6.85 5.16
C GLY A 55 5.87 6.53 4.82
N LEU A 56 6.61 7.56 4.46
CA LEU A 56 7.99 7.42 4.04
C LEU A 56 8.94 7.62 5.22
N GLU A 57 10.04 6.87 5.21
CA GLU A 57 11.10 6.96 6.20
C GLU A 57 12.47 7.02 5.52
N TRP A 58 13.25 8.03 5.87
CA TRP A 58 14.60 8.18 5.33
C TRP A 58 15.58 7.34 6.14
N LEU A 59 16.45 6.61 5.44
CA LEU A 59 17.45 5.76 6.08
C LEU A 59 18.85 6.33 6.02
N GLY A 60 19.26 6.88 4.89
CA GLY A 60 20.60 7.41 4.77
C GLY A 60 20.89 7.84 3.35
N PHE A 61 22.05 8.47 3.18
CA PHE A 61 22.53 8.73 1.84
C PHE A 61 24.04 8.53 1.75
N VAL A 62 24.49 8.38 0.52
CA VAL A 62 25.91 8.40 0.21
C VAL A 62 26.14 9.49 -0.82
N ASN A 63 27.19 10.25 -0.61
CA ASN A 63 27.65 11.21 -1.61
C ASN A 63 28.63 10.51 -2.53
N ILE A 64 28.36 10.57 -3.85
CA ILE A 64 29.15 9.71 -4.74
C ILE A 64 30.58 10.20 -4.99
N PHE A 65 30.91 11.43 -4.62
CA PHE A 65 32.23 11.95 -4.99
C PHE A 65 33.34 11.17 -4.30
N ARG A 66 33.21 10.96 -2.99
CA ARG A 66 34.19 10.19 -2.22
C ARG A 66 33.55 9.16 -1.31
N GLY A 67 32.23 9.02 -1.33
CA GLY A 67 31.55 8.04 -0.51
C GLY A 67 31.23 8.49 0.89
N ALA A 68 31.20 9.80 1.15
CA ALA A 68 30.75 10.29 2.45
C ALA A 68 29.31 9.86 2.68
N VAL A 69 28.95 9.63 3.94
CA VAL A 69 27.63 9.09 4.26
C VAL A 69 27.00 9.84 5.42
N LYS A 70 25.67 9.83 5.45
CA LYS A 70 24.87 10.24 6.61
C LYS A 70 23.79 9.18 6.81
N TYR A 71 23.58 8.77 8.07
CA TYR A 71 22.66 7.69 8.38
C TYR A 71 21.64 8.16 9.41
N SER A 72 20.44 7.60 9.30
CA SER A 72 19.45 7.79 10.34
C SER A 72 19.94 7.18 11.64
N SER A 73 19.76 7.90 12.75
CA SER A 73 20.19 7.36 14.03
C SER A 73 19.37 6.13 14.44
N ARG A 74 18.17 5.95 13.88
CA ARG A 74 17.38 4.76 14.18
C ARG A 74 18.05 3.47 13.70
N PHE A 75 19.00 3.58 12.77
CA PHE A 75 19.65 2.39 12.22
C PHE A 75 21.14 2.35 12.47
N GLN A 76 21.69 3.34 13.17
CA GLN A 76 23.13 3.36 13.44
C GLN A 76 23.58 2.03 14.04
N GLY A 77 24.67 1.50 13.50
CA GLY A 77 25.21 0.24 13.95
C GLY A 77 24.76 -0.97 13.15
N ARG A 78 23.75 -0.81 12.28
CA ARG A 78 23.36 -1.93 11.43
C ARG A 78 23.11 -1.50 9.99
N ILE A 79 23.64 -0.36 9.57
CA ILE A 79 23.41 0.14 8.22
C ILE A 79 24.73 0.61 7.62
N THR A 80 24.95 0.27 6.36
CA THR A 80 26.06 0.75 5.57
C THR A 80 25.53 1.08 4.19
N ILE A 81 25.92 2.25 3.68
CA ILE A 81 25.60 2.62 2.31
C ILE A 81 26.89 2.93 1.59
N THR A 82 27.09 2.34 0.42
CA THR A 82 28.32 2.57 -0.34
C THR A 82 27.94 2.84 -1.79
N ARG A 83 28.93 3.21 -2.58
CA ARG A 83 28.72 3.35 -4.01
C ARG A 83 29.94 2.86 -4.75
N ASP A 84 29.72 2.35 -5.95
CA ASP A 84 30.77 1.88 -6.84
C ASP A 84 30.69 2.77 -8.07
N THR A 85 31.72 3.59 -8.30
CA THR A 85 31.63 4.56 -9.39
C THR A 85 31.84 3.93 -10.76
N SER A 86 32.44 2.74 -10.85
CA SER A 86 32.62 2.11 -12.16
C SER A 86 31.34 1.49 -12.68
N SER A 87 30.45 1.03 -11.80
CA SER A 87 29.17 0.47 -12.21
C SER A 87 28.01 1.42 -11.94
N GLU A 88 28.29 2.62 -11.42
CA GLU A 88 27.27 3.64 -11.12
C GLU A 88 26.16 3.08 -10.22
N THR A 89 26.58 2.38 -9.17
CA THR A 89 25.67 1.64 -8.32
C THR A 89 25.89 2.02 -6.87
N SER A 90 24.80 2.04 -6.11
CA SER A 90 24.84 2.20 -4.66
C SER A 90 24.32 0.93 -4.03
N TYR A 91 24.91 0.54 -2.91
CA TYR A 91 24.47 -0.60 -2.13
C TYR A 91 23.95 -0.12 -0.79
N LEU A 92 22.76 -0.57 -0.43
CA LEU A 92 22.27 -0.47 0.94
C LEU A 92 22.43 -1.84 1.60
N ASP A 93 23.26 -1.89 2.65
CA ASP A 93 23.40 -3.09 3.46
C ASP A 93 22.72 -2.83 4.80
N LEU A 94 21.68 -3.59 5.11
CA LEU A 94 20.95 -3.44 6.36
C LEU A 94 21.05 -4.76 7.10
N GLY A 95 21.63 -4.73 8.29
CA GLY A 95 21.92 -5.95 9.03
C GLY A 95 20.93 -6.13 10.17
N ALA A 96 21.06 -7.28 10.85
CA ALA A 96 20.23 -7.60 12.02
C ALA A 96 18.75 -7.30 11.75
N LEU A 97 18.22 -7.85 10.66
CA LEU A 97 16.89 -7.47 10.19
C LEU A 97 15.80 -7.85 11.18
N LYS A 98 14.82 -6.96 11.32
CA LYS A 98 13.65 -7.13 12.17
C LYS A 98 12.41 -7.33 11.30
N ALA A 99 11.39 -7.95 11.89
CA ALA A 99 10.15 -8.13 11.12
C ALA A 99 9.60 -6.80 10.64
N ASP A 100 9.77 -5.74 11.44
CA ASP A 100 9.27 -4.42 11.05
C ASP A 100 10.18 -3.68 10.10
N ASP A 101 11.28 -4.31 9.64
CA ASP A 101 12.01 -3.85 8.46
C ASP A 101 11.34 -4.26 7.16
N THR A 102 10.25 -5.04 7.21
CA THR A 102 9.46 -5.33 6.02
C THR A 102 8.89 -4.06 5.43
N ALA A 103 9.24 -3.79 4.17
CA ALA A 103 8.92 -2.50 3.53
C ALA A 103 9.33 -2.60 2.06
N THR A 104 8.88 -1.63 1.28
CA THR A 104 9.47 -1.39 -0.03
C THR A 104 10.57 -0.36 0.15
N TYR A 105 11.77 -0.68 -0.33
CA TYR A 105 12.93 0.20 -0.18
C TYR A 105 13.14 0.92 -1.50
N TYR A 106 13.38 2.23 -1.42
CA TYR A 106 13.59 3.07 -2.60
C TYR A 106 14.97 3.70 -2.54
N CYS A 107 15.66 3.71 -3.68
CA CYS A 107 16.75 4.67 -3.81
C CYS A 107 16.22 5.91 -4.53
N ALA A 108 16.82 7.06 -4.22
CA ALA A 108 16.38 8.32 -4.80
C ALA A 108 17.60 9.19 -5.05
N TRP A 109 17.50 10.01 -6.09
CA TRP A 109 18.60 10.82 -6.58
C TRP A 109 18.47 12.24 -6.06
N ASP A 110 19.58 12.82 -5.65
CA ASP A 110 19.65 14.18 -5.13
C ASP A 110 20.80 14.89 -5.84
N LYS A 111 20.46 15.94 -6.60
CA LYS A 111 21.50 16.68 -7.32
C LYS A 111 22.45 17.44 -6.40
N ASN A 112 22.12 17.55 -5.11
CA ASN A 112 23.01 18.17 -4.12
C ASN A 112 23.30 19.62 -4.50
N VAL A 113 22.22 20.36 -4.76
CA VAL A 113 22.28 21.80 -5.03
C VAL A 113 21.93 22.53 -3.74
N ASP A 114 22.81 23.44 -3.32
CA ASP A 114 22.66 24.06 -2.01
C ASP A 114 21.35 24.82 -1.87
N ASP A 115 20.87 25.43 -2.95
CA ASP A 115 19.62 26.18 -2.90
C ASP A 115 18.37 25.30 -2.77
N ASN A 116 18.48 23.98 -2.97
CA ASN A 116 17.32 23.09 -2.93
C ASN A 116 17.61 21.89 -2.03
N PRO A 117 17.60 22.08 -0.70
CA PRO A 117 18.05 21.02 0.21
C PRO A 117 17.18 19.77 0.15
N TRP A 118 17.86 18.62 0.07
CA TRP A 118 17.25 17.29 0.18
C TRP A 118 16.16 17.06 -0.86
N ARG A 119 16.25 17.72 -2.01
CA ARG A 119 15.33 17.45 -3.11
C ARG A 119 15.60 16.05 -3.67
N LEU A 120 14.60 15.19 -3.61
CA LEU A 120 14.74 13.82 -4.13
C LEU A 120 14.06 13.83 -5.49
N ASP A 121 14.83 14.15 -6.53
CA ASP A 121 14.25 14.47 -7.82
C ASP A 121 13.91 13.25 -8.67
N SER A 122 14.49 12.08 -8.38
CA SER A 122 14.19 10.89 -9.14
C SER A 122 14.19 9.71 -8.18
N TRP A 123 13.32 8.73 -8.45
CA TRP A 123 13.09 7.60 -7.55
C TRP A 123 13.20 6.28 -8.31
N GLY A 124 13.77 5.28 -7.67
CA GLY A 124 13.70 3.93 -8.20
C GLY A 124 12.29 3.36 -8.08
N GLN A 125 12.09 2.20 -8.71
CA GLN A 125 10.78 1.55 -8.66
C GLN A 125 10.49 0.88 -7.32
N GLY A 126 11.48 0.76 -6.44
CA GLY A 126 11.29 0.09 -5.17
C GLY A 126 11.72 -1.37 -5.20
N THR A 127 12.20 -1.83 -4.06
CA THR A 127 12.55 -3.23 -3.85
C THR A 127 11.77 -3.72 -2.63
N LEU A 128 10.99 -4.78 -2.80
CA LEU A 128 10.30 -5.39 -1.67
C LEU A 128 11.28 -6.20 -0.82
N VAL A 129 11.37 -5.88 0.47
CA VAL A 129 12.17 -6.65 1.42
C VAL A 129 11.21 -7.19 2.47
N ILE A 130 11.14 -8.52 2.58
CA ILE A 130 10.23 -9.20 3.50
C ILE A 130 11.07 -9.88 4.57
N VAL A 131 10.79 -9.59 5.83
CA VAL A 131 11.54 -10.16 6.95
C VAL A 131 10.56 -10.90 7.84
N SER A 132 10.72 -12.21 7.93
CA SER A 132 9.76 -13.03 8.66
C SER A 132 10.43 -14.32 9.11
N SER A 133 9.91 -14.86 10.21
CA SER A 133 10.29 -16.19 10.64
C SER A 133 9.64 -17.29 9.81
N ALA A 134 8.65 -16.95 9.01
CA ALA A 134 7.89 -17.95 8.27
C ALA A 134 8.71 -18.52 7.11
N SER A 135 8.31 -19.72 6.69
CA SER A 135 8.87 -20.39 5.52
C SER A 135 7.85 -20.36 4.39
N THR A 136 8.36 -20.45 3.16
CA THR A 136 7.49 -20.49 1.99
C THR A 136 6.37 -21.51 2.19
N LYS A 137 5.15 -21.07 1.95
CA LYS A 137 3.99 -21.93 2.15
C LYS A 137 2.90 -21.52 1.18
N GLY A 138 2.36 -22.49 0.44
CA GLY A 138 1.27 -22.22 -0.48
C GLY A 138 -0.03 -22.07 0.26
N PRO A 139 -1.00 -21.40 -0.35
CA PRO A 139 -2.27 -21.14 0.32
C PRO A 139 -3.20 -22.35 0.30
N SER A 140 -4.14 -22.32 1.24
CA SER A 140 -5.35 -23.13 1.16
C SER A 140 -6.45 -22.24 0.61
N VAL A 141 -7.22 -22.75 -0.34
CA VAL A 141 -8.24 -21.93 -1.03
C VAL A 141 -9.60 -22.48 -0.68
N PHE A 142 -10.43 -21.63 -0.05
CA PHE A 142 -11.75 -22.03 0.42
C PHE A 142 -12.82 -21.25 -0.33
N PRO A 143 -13.96 -21.87 -0.63
CA PRO A 143 -15.04 -21.14 -1.29
C PRO A 143 -15.74 -20.17 -0.33
N LEU A 144 -16.13 -19.03 -0.90
CA LEU A 144 -17.11 -18.12 -0.32
C LEU A 144 -18.39 -18.34 -1.14
N ALA A 145 -19.29 -19.16 -0.63
CA ALA A 145 -20.31 -19.66 -1.54
C ALA A 145 -21.58 -18.83 -1.42
N PRO A 146 -22.24 -18.55 -2.55
CA PRO A 146 -23.49 -17.80 -2.57
C PRO A 146 -24.66 -18.55 -1.94
N GLY A 154 -31.79 -10.57 -7.42
CA GLY A 154 -31.06 -9.81 -8.41
C GLY A 154 -29.60 -10.20 -8.57
N THR A 155 -28.75 -9.74 -7.65
CA THR A 155 -27.31 -9.93 -7.68
C THR A 155 -26.85 -10.80 -6.52
N ALA A 156 -25.97 -11.75 -6.81
CA ALA A 156 -25.34 -12.58 -5.80
C ALA A 156 -23.84 -12.31 -5.77
N ALA A 157 -23.23 -12.53 -4.61
CA ALA A 157 -21.79 -12.48 -4.45
C ALA A 157 -21.23 -13.86 -4.16
N LEU A 158 -20.10 -14.17 -4.75
CA LEU A 158 -19.34 -15.37 -4.43
C LEU A 158 -17.87 -15.01 -4.44
N GLY A 159 -17.03 -15.91 -3.97
CA GLY A 159 -15.62 -15.58 -3.94
C GLY A 159 -14.79 -16.76 -3.48
N CYS A 160 -13.52 -16.47 -3.25
CA CYS A 160 -12.55 -17.43 -2.75
C CYS A 160 -11.76 -16.79 -1.62
N LEU A 161 -11.52 -17.56 -0.59
CA LEU A 161 -10.69 -17.14 0.54
C LEU A 161 -9.35 -17.84 0.40
N VAL A 162 -8.29 -17.06 0.23
CA VAL A 162 -6.95 -17.58 -0.05
C VAL A 162 -6.15 -17.39 1.23
N LYS A 163 -6.02 -18.47 2.01
CA LYS A 163 -5.60 -18.34 3.39
C LYS A 163 -4.25 -19.01 3.64
N ASP A 164 -3.45 -18.40 4.51
CA ASP A 164 -2.28 -19.02 5.14
C ASP A 164 -1.17 -19.32 4.12
N TYR A 165 -0.71 -18.27 3.44
CA TYR A 165 0.41 -18.42 2.53
C TYR A 165 1.53 -17.46 2.91
N PHE A 166 2.72 -17.73 2.36
CA PHE A 166 3.89 -16.90 2.60
C PHE A 166 4.91 -17.18 1.51
N PRO A 167 5.59 -16.16 0.97
CA PRO A 167 5.33 -14.73 1.17
C PRO A 167 4.32 -14.22 0.15
N GLU A 168 4.12 -12.90 0.12
CA GLU A 168 3.40 -12.28 -0.97
C GLU A 168 4.22 -12.44 -2.26
N PRO A 169 3.57 -12.35 -3.43
CA PRO A 169 2.13 -12.12 -3.63
C PRO A 169 1.37 -13.33 -4.13
N VAL A 170 0.05 -13.21 -4.09
CA VAL A 170 -0.88 -14.13 -4.73
C VAL A 170 -1.61 -13.34 -5.79
N THR A 171 -1.87 -13.96 -6.94
CA THR A 171 -2.76 -13.35 -7.92
C THR A 171 -4.01 -14.21 -8.08
N VAL A 172 -5.12 -13.58 -8.45
CA VAL A 172 -6.39 -14.28 -8.61
C VAL A 172 -7.03 -13.77 -9.89
N SER A 173 -7.51 -14.69 -10.71
CA SER A 173 -8.38 -14.33 -11.82
C SER A 173 -9.64 -15.19 -11.69
N TRP A 174 -10.65 -14.86 -12.49
CA TRP A 174 -11.89 -15.62 -12.48
C TRP A 174 -12.15 -16.15 -13.88
N ASN A 175 -12.53 -17.43 -13.95
CA ASN A 175 -12.85 -18.11 -15.21
C ASN A 175 -11.73 -17.90 -16.22
N SER A 176 -10.50 -18.07 -15.74
CA SER A 176 -9.30 -17.95 -16.57
C SER A 176 -9.18 -16.57 -17.20
N GLY A 177 -9.66 -15.53 -16.52
CA GLY A 177 -9.60 -14.18 -17.04
C GLY A 177 -10.77 -13.75 -17.87
N ALA A 178 -11.72 -14.66 -18.15
CA ALA A 178 -12.87 -14.33 -18.97
C ALA A 178 -13.92 -13.55 -18.19
N LEU A 179 -13.88 -13.62 -16.88
CA LEU A 179 -14.79 -12.90 -16.00
C LEU A 179 -13.99 -11.79 -15.31
N THR A 180 -14.26 -10.54 -15.68
CA THR A 180 -13.62 -9.40 -15.04
C THR A 180 -14.59 -8.38 -14.45
N SER A 181 -15.78 -8.21 -15.04
CA SER A 181 -16.74 -7.25 -14.50
C SER A 181 -17.22 -7.71 -13.13
N GLY A 182 -17.19 -6.79 -12.17
CA GLY A 182 -17.66 -7.08 -10.84
C GLY A 182 -16.67 -7.79 -9.95
N VAL A 183 -15.46 -8.05 -10.42
CA VAL A 183 -14.45 -8.75 -9.60
C VAL A 183 -13.76 -7.75 -8.69
N HIS A 184 -13.61 -8.11 -7.42
CA HIS A 184 -12.77 -7.36 -6.51
C HIS A 184 -11.81 -8.33 -5.83
N THR A 185 -10.51 -8.10 -6.00
CA THR A 185 -9.49 -8.86 -5.29
C THR A 185 -8.86 -7.94 -4.26
N PHE A 186 -8.99 -8.30 -3.01
CA PHE A 186 -8.63 -7.40 -1.93
C PHE A 186 -7.14 -7.48 -1.60
N PRO A 187 -6.58 -6.42 -1.02
CA PRO A 187 -5.22 -6.51 -0.50
C PRO A 187 -5.12 -7.61 0.54
N ALA A 188 -3.99 -8.32 0.54
CA ALA A 188 -3.81 -9.33 1.57
C ALA A 188 -3.66 -8.65 2.93
N VAL A 189 -4.01 -9.39 3.99
CA VAL A 189 -3.69 -8.98 5.35
C VAL A 189 -2.67 -9.95 5.90
N LEU A 190 -1.80 -9.43 6.76
CA LEU A 190 -0.82 -10.25 7.47
C LEU A 190 -1.47 -10.71 8.77
N GLN A 191 -1.69 -12.02 8.92
CA GLN A 191 -2.37 -12.49 10.12
C GLN A 191 -1.38 -12.59 11.27
N SER A 192 -1.93 -12.74 12.48
CA SER A 192 -1.09 -12.83 13.67
C SER A 192 -0.18 -14.05 13.64
N SER A 193 -0.50 -15.06 12.84
CA SER A 193 0.33 -16.24 12.62
C SER A 193 1.60 -15.94 11.82
N GLY A 194 1.70 -14.77 11.22
CA GLY A 194 2.75 -14.49 10.28
C GLY A 194 2.46 -14.93 8.86
N LEU A 195 1.30 -15.51 8.61
CA LEU A 195 0.90 -15.93 7.27
C LEU A 195 -0.11 -14.93 6.71
N TYR A 196 -0.15 -14.81 5.39
CA TYR A 196 -1.06 -13.87 4.75
C TYR A 196 -2.38 -14.56 4.41
N SER A 197 -3.39 -13.74 4.18
CA SER A 197 -4.69 -14.22 3.72
C SER A 197 -5.30 -13.14 2.86
N LEU A 198 -5.96 -13.53 1.77
CA LEU A 198 -6.73 -12.53 1.04
C LEU A 198 -7.99 -13.16 0.51
N SER A 199 -8.92 -12.31 0.10
CA SER A 199 -10.15 -12.77 -0.51
C SER A 199 -10.31 -12.10 -1.86
N SER A 200 -10.91 -12.84 -2.79
CA SER A 200 -11.34 -12.30 -4.06
C SER A 200 -12.81 -12.61 -4.24
N VAL A 201 -13.58 -11.63 -4.70
CA VAL A 201 -15.02 -11.83 -4.85
C VAL A 201 -15.46 -11.38 -6.24
N VAL A 202 -16.66 -11.78 -6.61
CA VAL A 202 -17.29 -11.31 -7.84
C VAL A 202 -18.80 -11.29 -7.60
N THR A 203 -19.46 -10.26 -8.13
CA THR A 203 -20.91 -10.19 -8.10
C THR A 203 -21.45 -10.60 -9.46
N VAL A 204 -22.48 -11.45 -9.45
CA VAL A 204 -23.04 -12.01 -10.68
C VAL A 204 -24.55 -12.04 -10.56
N PRO A 205 -25.26 -12.14 -11.68
CA PRO A 205 -26.71 -12.30 -11.61
C PRO A 205 -27.06 -13.57 -10.84
N SER A 206 -27.98 -13.43 -9.88
CA SER A 206 -28.41 -14.59 -9.10
C SER A 206 -28.92 -15.71 -9.99
N SER A 207 -29.60 -15.35 -11.08
CA SER A 207 -30.12 -16.34 -12.00
C SER A 207 -29.05 -17.19 -12.68
N SER A 208 -27.79 -16.80 -12.62
CA SER A 208 -26.73 -17.56 -13.27
C SER A 208 -26.11 -18.60 -12.36
N LEU A 209 -26.46 -18.64 -11.07
CA LEU A 209 -25.73 -19.47 -10.11
C LEU A 209 -25.85 -20.96 -10.39
N GLY A 210 -26.97 -21.41 -10.92
CA GLY A 210 -27.03 -22.84 -11.17
C GLY A 210 -26.57 -23.25 -12.54
N THR A 211 -26.33 -22.30 -13.43
CA THR A 211 -26.03 -22.63 -14.82
C THR A 211 -24.61 -22.28 -15.24
N GLN A 212 -24.08 -21.15 -14.78
CA GLN A 212 -22.74 -20.74 -15.14
C GLN A 212 -21.76 -21.21 -14.08
N THR A 213 -20.64 -21.75 -14.53
CA THR A 213 -19.57 -22.22 -13.66
C THR A 213 -18.65 -21.05 -13.32
N TYR A 214 -18.29 -20.94 -12.04
CA TYR A 214 -17.40 -19.90 -11.56
C TYR A 214 -16.18 -20.53 -10.90
N ILE A 215 -15.00 -20.21 -11.41
CA ILE A 215 -13.74 -20.78 -10.95
C ILE A 215 -12.79 -19.63 -10.64
N CYS A 216 -12.25 -19.60 -9.43
CA CYS A 216 -11.23 -18.62 -9.11
C CYS A 216 -9.87 -19.28 -9.35
N ASN A 217 -9.02 -18.60 -10.14
CA ASN A 217 -7.70 -19.09 -10.48
C ASN A 217 -6.69 -18.40 -9.58
N VAL A 218 -6.18 -19.13 -8.61
CA VAL A 218 -5.25 -18.62 -7.61
C VAL A 218 -3.85 -19.05 -8.01
N ASN A 219 -2.92 -18.10 -8.04
CA ASN A 219 -1.53 -18.39 -8.37
C ASN A 219 -0.63 -17.84 -7.27
N HIS A 220 0.16 -18.72 -6.64
CA HIS A 220 1.15 -18.32 -5.65
C HIS A 220 2.52 -18.72 -6.18
N LYS A 221 3.15 -17.80 -6.92
CA LYS A 221 4.42 -18.10 -7.56
C LYS A 221 5.51 -18.53 -6.58
N PRO A 222 5.66 -17.93 -5.39
CA PRO A 222 6.80 -18.33 -4.55
C PRO A 222 6.81 -19.80 -4.17
N SER A 223 5.67 -20.47 -4.11
CA SER A 223 5.61 -21.89 -3.81
C SER A 223 5.24 -22.74 -5.02
N ASN A 224 5.13 -22.14 -6.21
CA ASN A 224 4.67 -22.86 -7.42
C ASN A 224 3.31 -23.50 -7.20
N THR A 225 2.41 -22.79 -6.52
CA THR A 225 1.08 -23.32 -6.22
C THR A 225 0.07 -22.63 -7.13
N LYS A 226 -0.65 -23.43 -7.91
CA LYS A 226 -1.79 -22.95 -8.70
C LYS A 226 -3.01 -23.78 -8.33
N VAL A 227 -4.12 -23.09 -8.04
CA VAL A 227 -5.39 -23.71 -7.65
C VAL A 227 -6.47 -23.10 -8.52
N ASP A 228 -7.30 -23.93 -9.12
CA ASP A 228 -8.51 -23.51 -9.84
C ASP A 228 -9.69 -24.04 -9.03
N LYS A 229 -10.27 -23.17 -8.20
CA LYS A 229 -11.29 -23.59 -7.24
C LYS A 229 -12.68 -23.28 -7.80
N ARG A 230 -13.45 -24.33 -8.07
CA ARG A 230 -14.87 -24.18 -8.39
C ARG A 230 -15.63 -23.70 -7.16
N VAL A 231 -16.40 -22.64 -7.31
CA VAL A 231 -17.21 -22.09 -6.24
C VAL A 231 -18.66 -22.35 -6.58
N GLU A 232 -19.26 -23.33 -5.93
CA GLU A 232 -20.66 -23.64 -6.14
C GLU A 232 -21.46 -23.16 -4.95
N PRO A 233 -22.75 -22.88 -5.13
CA PRO A 233 -23.62 -22.70 -3.97
C PRO A 233 -23.50 -23.93 -3.06
N LYS A 234 -23.53 -23.70 -1.75
CA LYS A 234 -23.43 -24.82 -0.79
C LYS A 234 -24.53 -25.85 -0.96
N ILE B 2 13.44 18.39 14.39
CA ILE B 2 12.41 18.98 13.53
C ILE B 2 11.24 18.02 13.36
N GLN B 3 10.05 18.47 13.75
CA GLN B 3 8.82 17.70 13.59
C GLN B 3 8.01 18.29 12.45
N VAL B 4 7.46 17.41 11.63
CA VAL B 4 6.67 17.79 10.47
C VAL B 4 5.29 17.18 10.62
N THR B 5 4.25 18.00 10.45
CA THR B 5 2.87 17.55 10.58
C THR B 5 2.10 17.98 9.35
N GLN B 6 1.27 17.08 8.82
CA GLN B 6 0.41 17.34 7.68
C GLN B 6 -1.06 17.24 8.06
N SER B 7 -1.88 18.00 7.35
CA SER B 7 -3.32 17.94 7.56
C SER B 7 -4.00 18.40 6.29
N PRO B 8 -5.19 17.88 5.97
CA PRO B 8 -5.86 16.79 6.69
C PRO B 8 -5.20 15.45 6.40
N SER B 9 -5.58 14.39 7.12
CA SER B 9 -5.03 13.07 6.79
C SER B 9 -5.67 12.51 5.53
N SER B 10 -6.90 12.92 5.22
CA SER B 10 -7.59 12.43 4.04
C SER B 10 -8.57 13.49 3.59
N LEU B 11 -8.81 13.54 2.28
CA LEU B 11 -9.89 14.40 1.78
C LEU B 11 -10.41 13.88 0.46
N SER B 12 -11.69 14.17 0.21
CA SER B 12 -12.37 13.82 -1.03
C SER B 12 -12.71 15.10 -1.76
N ALA B 13 -12.55 15.10 -3.08
CA ALA B 13 -12.81 16.31 -3.85
C ALA B 13 -13.44 15.93 -5.18
N SER B 14 -14.27 16.84 -5.69
CA SER B 14 -14.85 16.62 -7.01
C SER B 14 -13.88 17.06 -8.08
N ILE B 15 -13.98 16.41 -9.23
CA ILE B 15 -13.21 16.85 -10.39
C ILE B 15 -13.47 18.34 -10.63
N GLY B 16 -12.40 19.09 -10.82
CA GLY B 16 -12.50 20.52 -11.03
C GLY B 16 -12.35 21.37 -9.77
N ASP B 17 -12.44 20.76 -8.59
CA ASP B 17 -12.32 21.50 -7.34
C ASP B 17 -10.90 22.03 -7.13
N THR B 18 -10.80 23.05 -6.28
CA THR B 18 -9.52 23.46 -5.71
C THR B 18 -9.43 22.92 -4.28
N ILE B 19 -8.31 22.28 -3.96
CA ILE B 19 -8.08 21.75 -2.62
C ILE B 19 -6.71 22.20 -2.13
N THR B 20 -6.57 22.21 -0.81
CA THR B 20 -5.32 22.64 -0.17
C THR B 20 -4.92 21.62 0.88
N VAL B 21 -3.64 21.26 0.88
CA VAL B 21 -3.02 20.39 1.87
C VAL B 21 -2.00 21.24 2.64
N ALA B 22 -1.91 21.06 3.95
CA ALA B 22 -0.98 21.86 4.74
C ALA B 22 0.12 21.01 5.35
N CYS B 23 1.29 21.62 5.51
CA CYS B 23 2.47 20.99 6.12
C CYS B 23 3.04 21.99 7.12
N GLU B 24 3.01 21.64 8.40
CA GLU B 24 3.47 22.53 9.45
C GLU B 24 4.79 22.00 10.01
N VAL B 25 5.79 22.88 10.10
CA VAL B 25 7.12 22.52 10.57
C VAL B 25 7.33 23.11 11.95
N SER B 26 7.99 22.36 12.84
CA SER B 26 8.08 22.78 14.23
C SER B 26 9.08 23.90 14.46
N GLN B 27 9.85 24.28 13.44
CA GLN B 27 10.76 25.42 13.56
C GLN B 27 10.97 26.01 12.18
N ASP B 28 11.53 27.22 12.15
CA ASP B 28 11.79 27.87 10.87
C ASP B 28 12.84 27.06 10.12
N VAL B 29 12.52 26.71 8.88
CA VAL B 29 13.47 25.98 8.04
C VAL B 29 13.67 26.70 6.72
N GLY B 30 13.45 28.02 6.70
CA GLY B 30 13.50 28.73 5.42
C GLY B 30 12.44 28.20 4.49
N TRP B 31 12.82 27.98 3.22
CA TRP B 31 11.90 27.45 2.22
C TRP B 31 12.10 25.95 1.98
N ALA B 32 12.80 25.26 2.88
CA ALA B 32 13.29 23.91 2.57
C ALA B 32 12.26 22.79 2.76
N VAL B 33 11.06 22.94 2.22
CA VAL B 33 10.03 21.90 2.23
C VAL B 33 9.87 21.37 0.82
N ASN B 34 9.86 20.05 0.68
CA ASN B 34 9.60 19.42 -0.60
C ASN B 34 8.32 18.61 -0.53
N TRP B 35 7.62 18.50 -1.66
CA TRP B 35 6.38 17.75 -1.73
C TRP B 35 6.49 16.61 -2.73
N TYR B 36 5.88 15.48 -2.40
CA TYR B 36 5.87 14.30 -3.26
C TYR B 36 4.45 13.78 -3.40
N HIS B 37 4.18 13.21 -4.57
CA HIS B 37 2.91 12.57 -4.87
C HIS B 37 3.15 11.09 -5.09
N GLN B 38 2.26 10.27 -4.55
CA GLN B 38 2.34 8.82 -4.74
C GLN B 38 0.97 8.30 -5.17
N ARG B 39 0.87 7.89 -6.44
CA ARG B 39 -0.33 7.24 -6.91
C ARG B 39 -0.41 5.81 -6.36
N PRO B 40 -1.61 5.24 -6.26
CA PRO B 40 -1.73 3.88 -5.72
C PRO B 40 -0.89 2.87 -6.49
N GLY B 41 -0.05 2.13 -5.77
CA GLY B 41 0.80 1.11 -6.34
C GLY B 41 2.01 1.61 -7.12
N ARG B 42 2.32 2.90 -7.06
CA ARG B 42 3.43 3.50 -7.78
C ARG B 42 4.49 4.03 -6.82
N PRO B 43 5.72 4.26 -7.29
CA PRO B 43 6.70 4.97 -6.46
C PRO B 43 6.30 6.42 -6.29
N PRO B 44 6.74 7.08 -5.22
CA PRO B 44 6.59 8.54 -5.12
C PRO B 44 7.35 9.22 -6.24
N TYR B 45 6.93 10.45 -6.55
CA TYR B 45 7.73 11.34 -7.38
C TYR B 45 7.67 12.76 -6.82
N ASN B 46 8.70 13.55 -7.16
CA ASN B 46 8.79 14.90 -6.65
C ASN B 46 7.81 15.80 -7.38
N LEU B 47 7.02 16.54 -6.60
CA LEU B 47 5.98 17.43 -7.11
C LEU B 47 6.40 18.89 -7.05
N ILE B 48 6.86 19.33 -5.88
CA ILE B 48 7.38 20.67 -5.63
C ILE B 48 8.67 20.55 -4.82
N TYR B 49 9.62 21.44 -5.10
CA TYR B 49 10.83 21.49 -4.29
C TYR B 49 11.09 22.90 -3.82
N THR B 50 11.64 22.99 -2.61
CA THR B 50 11.95 24.27 -1.95
C THR B 50 10.72 25.18 -1.95
N ALA B 51 9.63 24.62 -1.39
CA ALA B 51 8.39 25.33 -1.04
C ALA B 51 7.51 25.63 -2.25
N HIS B 52 8.09 26.08 -3.37
CA HIS B 52 7.25 26.65 -4.43
C HIS B 52 7.71 26.33 -5.85
N ASN B 53 8.81 25.61 -6.04
CA ASN B 53 9.26 25.32 -7.40
C ASN B 53 8.59 24.04 -7.90
N LEU B 54 7.92 24.13 -9.04
CA LEU B 54 7.35 22.93 -9.66
C LEU B 54 8.46 22.04 -10.21
N ALA B 55 8.40 20.75 -9.88
CA ALA B 55 9.33 19.80 -10.47
C ALA B 55 9.10 19.72 -11.97
N PRO B 56 10.12 19.31 -12.72
CA PRO B 56 10.01 19.23 -14.18
C PRO B 56 8.80 18.42 -14.64
N GLY B 57 7.98 19.04 -15.47
CA GLY B 57 6.80 18.41 -16.03
C GLY B 57 5.57 18.46 -15.16
N VAL B 58 5.65 19.04 -13.95
CA VAL B 58 4.47 19.13 -13.09
C VAL B 58 3.59 20.26 -13.57
N ALA B 59 2.29 20.00 -13.64
CA ALA B 59 1.32 20.95 -14.19
C ALA B 59 1.23 22.24 -13.36
N SER B 60 0.95 23.35 -14.05
CA SER B 60 0.89 24.64 -13.36
C SER B 60 -0.33 24.79 -12.46
N ARG B 61 -1.28 23.85 -12.48
CA ARG B 61 -2.38 23.93 -11.54
C ARG B 61 -1.96 23.52 -10.13
N PHE B 62 -0.74 23.05 -9.94
CA PHE B 62 -0.18 22.84 -8.62
C PHE B 62 0.57 24.09 -8.17
N ARG B 63 0.37 24.47 -6.91
CA ARG B 63 1.06 25.64 -6.36
C ARG B 63 1.49 25.34 -4.94
N GLY B 64 2.74 25.63 -4.62
CA GLY B 64 3.24 25.55 -3.25
C GLY B 64 3.47 26.93 -2.70
N SER B 65 3.15 27.13 -1.42
CA SER B 65 3.33 28.42 -0.78
C SER B 65 3.90 28.23 0.62
N ARG B 66 4.57 29.27 1.10
CA ARG B 66 5.08 29.32 2.46
C ARG B 66 4.53 30.54 3.19
N VAL B 67 4.01 30.34 4.40
CA VAL B 67 3.77 31.43 5.35
C VAL B 67 4.47 31.03 6.63
N GLY B 68 5.72 31.48 6.80
CA GLY B 68 6.49 31.19 8.00
C GLY B 68 6.84 29.72 8.11
N THR B 69 6.25 29.03 9.09
CA THR B 69 6.43 27.60 9.27
C THR B 69 5.25 26.81 8.73
N TYR B 70 4.30 27.48 8.07
CA TYR B 70 3.08 26.87 7.56
C TYR B 70 3.14 26.83 6.03
N PHE B 71 3.21 25.62 5.48
CA PHE B 71 3.41 25.42 4.04
C PHE B 71 2.14 24.78 3.47
N THR B 72 1.74 25.22 2.28
CA THR B 72 0.57 24.65 1.66
C THR B 72 0.86 24.16 0.24
N LEU B 73 0.15 23.11 -0.13
CA LEU B 73 0.09 22.64 -1.50
C LEU B 73 -1.35 22.87 -1.97
N THR B 74 -1.52 23.64 -3.03
CA THR B 74 -2.83 23.91 -3.58
C THR B 74 -2.92 23.22 -4.92
N ILE B 75 -3.99 22.45 -5.13
CA ILE B 75 -4.26 21.80 -6.41
C ILE B 75 -5.49 22.44 -7.01
N ASN B 76 -5.33 23.10 -8.14
CA ASN B 76 -6.44 23.70 -8.85
C ASN B 76 -6.93 22.73 -9.92
N ASN B 77 -8.22 22.86 -10.27
CA ASN B 77 -8.83 22.06 -11.33
C ASN B 77 -8.48 20.58 -11.17
N LEU B 78 -8.87 20.03 -10.02
CA LEU B 78 -8.47 18.67 -9.66
C LEU B 78 -8.89 17.66 -10.73
N LEU B 79 -8.00 16.73 -11.04
CA LEU B 79 -8.25 15.72 -12.06
C LEU B 79 -8.14 14.33 -11.45
N PRO B 80 -8.72 13.31 -12.10
CA PRO B 80 -8.58 11.95 -11.57
C PRO B 80 -7.13 11.52 -11.35
N GLU B 81 -6.20 12.00 -12.17
CA GLU B 81 -4.80 11.61 -12.01
C GLU B 81 -4.18 12.14 -10.72
N ASP B 82 -4.87 13.04 -10.00
CA ASP B 82 -4.35 13.60 -8.76
C ASP B 82 -4.63 12.71 -7.55
N VAL B 83 -5.42 11.65 -7.71
CA VAL B 83 -5.69 10.73 -6.62
C VAL B 83 -4.39 10.10 -6.16
N GLY B 84 -4.27 9.91 -4.83
CA GLY B 84 -3.12 9.26 -4.25
C GLY B 84 -2.79 9.94 -2.93
N THR B 85 -1.56 9.81 -2.49
CA THR B 85 -1.13 10.39 -1.23
C THR B 85 -0.06 11.44 -1.48
N TYR B 86 -0.16 12.55 -0.76
CA TYR B 86 0.80 13.65 -0.85
C TYR B 86 1.62 13.68 0.44
N TYR B 87 2.94 13.79 0.28
CA TYR B 87 3.88 13.78 1.39
C TYR B 87 4.71 15.05 1.38
N CYS B 88 4.90 15.65 2.55
CA CYS B 88 5.86 16.74 2.64
C CYS B 88 7.08 16.27 3.43
N GLN B 89 8.21 16.92 3.14
CA GLN B 89 9.51 16.51 3.62
C GLN B 89 10.27 17.76 4.00
N VAL B 90 10.97 17.71 5.14
CA VAL B 90 11.94 18.72 5.55
C VAL B 90 13.20 17.96 5.92
N PHE B 91 14.27 18.16 5.14
CA PHE B 91 15.53 17.46 5.35
C PHE B 91 15.28 15.97 5.45
N ASP B 92 15.70 15.33 6.54
CA ASP B 92 15.49 13.90 6.69
C ASP B 92 14.13 13.53 7.27
N SER B 93 13.28 14.51 7.57
CA SER B 93 12.00 14.25 8.25
C SER B 93 10.83 14.24 7.26
N PHE B 94 10.00 13.22 7.38
CA PHE B 94 8.71 13.15 6.74
C PHE B 94 7.64 13.22 7.82
N ALA B 95 6.46 13.68 7.44
CA ALA B 95 5.37 13.64 8.38
C ALA B 95 4.95 12.18 8.59
N PRO B 96 4.22 11.89 9.67
CA PRO B 96 3.53 10.60 9.69
C PRO B 96 2.27 10.73 8.83
N GLY B 97 2.14 9.85 7.83
CA GLY B 97 0.86 9.54 7.23
C GLY B 97 0.53 10.21 5.91
N GLY B 98 1.07 11.39 5.64
CA GLY B 98 0.67 12.03 4.39
C GLY B 98 -0.80 12.43 4.37
N THR B 99 -1.23 12.88 3.19
CA THR B 99 -2.61 13.28 2.96
C THR B 99 -3.14 12.47 1.80
N ARG B 100 -4.14 11.62 2.05
CA ARG B 100 -4.72 10.79 1.01
C ARG B 100 -5.87 11.54 0.35
N VAL B 101 -5.80 11.68 -0.98
CA VAL B 101 -6.80 12.39 -1.77
C VAL B 101 -7.54 11.35 -2.61
N ASP B 102 -8.87 11.36 -2.58
CA ASP B 102 -9.62 10.53 -3.51
C ASP B 102 -10.74 11.39 -4.13
N LEU B 103 -11.47 10.80 -5.09
CA LEU B 103 -12.53 11.53 -5.77
C LEU B 103 -13.83 11.39 -5.01
N ARG B 104 -14.63 12.45 -5.05
CA ARG B 104 -15.92 12.47 -4.38
C ARG B 104 -16.91 11.78 -5.30
N GLY B 105 -17.32 10.56 -4.96
CA GLY B 105 -18.36 9.87 -5.70
C GLY B 105 -19.74 10.21 -5.16
N THR B 106 -20.75 9.61 -5.78
CA THR B 106 -22.10 9.66 -5.23
C THR B 106 -22.17 8.81 -3.96
N VAL B 107 -22.79 9.36 -2.90
CA VAL B 107 -22.91 8.60 -1.67
C VAL B 107 -23.74 7.35 -1.94
N ALA B 108 -23.20 6.19 -1.59
CA ALA B 108 -23.90 4.95 -1.89
C ALA B 108 -23.59 3.96 -0.79
N ALA B 109 -24.63 3.40 -0.19
CA ALA B 109 -24.50 2.40 0.84
C ALA B 109 -23.96 1.10 0.27
N PRO B 110 -23.18 0.35 1.05
CA PRO B 110 -22.70 -0.95 0.60
C PRO B 110 -23.84 -1.95 0.45
N SER B 111 -23.67 -2.84 -0.52
CA SER B 111 -24.39 -4.09 -0.55
C SER B 111 -23.61 -5.08 0.31
N VAL B 112 -24.27 -5.73 1.26
CA VAL B 112 -23.58 -6.51 2.28
C VAL B 112 -23.86 -7.99 2.08
N PHE B 113 -22.84 -8.82 2.24
CA PHE B 113 -22.96 -10.27 2.11
C PHE B 113 -22.14 -10.93 3.20
N ILE B 114 -22.65 -12.03 3.74
CA ILE B 114 -21.93 -12.80 4.76
C ILE B 114 -21.72 -14.22 4.26
N PHE B 115 -20.54 -14.78 4.56
CA PHE B 115 -20.15 -16.10 4.08
C PHE B 115 -19.72 -16.95 5.26
N PRO B 116 -20.36 -18.10 5.48
CA PRO B 116 -19.91 -19.00 6.53
C PRO B 116 -18.58 -19.65 6.18
N PRO B 117 -17.87 -20.18 7.17
CA PRO B 117 -16.67 -20.96 6.86
C PRO B 117 -17.06 -22.22 6.11
N SER B 118 -16.14 -22.69 5.28
CA SER B 118 -16.34 -23.96 4.60
C SER B 118 -16.07 -25.12 5.54
N ASP B 119 -16.77 -26.24 5.30
CA ASP B 119 -16.51 -27.43 6.10
C ASP B 119 -15.09 -27.92 5.92
N GLU B 120 -14.49 -27.68 4.75
CA GLU B 120 -13.10 -28.07 4.53
C GLU B 120 -12.16 -27.31 5.46
N GLN B 121 -12.38 -26.00 5.61
CA GLN B 121 -11.58 -25.24 6.57
C GLN B 121 -11.77 -25.75 7.99
N LEU B 122 -13.02 -26.04 8.36
CA LEU B 122 -13.32 -26.42 9.74
C LEU B 122 -12.52 -27.65 10.17
N LYS B 123 -12.24 -28.57 9.25
CA LYS B 123 -11.44 -29.75 9.58
C LYS B 123 -10.05 -29.37 10.10
N SER B 124 -9.58 -28.15 9.78
CA SER B 124 -8.28 -27.66 10.20
C SER B 124 -8.26 -27.08 11.61
N GLY B 125 -9.41 -26.98 12.30
CA GLY B 125 -9.43 -26.42 13.64
C GLY B 125 -9.72 -24.94 13.72
N THR B 126 -9.87 -24.25 12.59
CA THR B 126 -10.07 -22.81 12.57
C THR B 126 -11.22 -22.49 11.62
N ALA B 127 -11.95 -21.41 11.93
CA ALA B 127 -13.10 -20.98 11.14
C ALA B 127 -12.92 -19.52 10.75
N SER B 128 -13.11 -19.22 9.48
CA SER B 128 -13.12 -17.85 8.98
C SER B 128 -14.53 -17.49 8.52
N VAL B 129 -15.08 -16.41 9.07
CA VAL B 129 -16.35 -15.84 8.60
C VAL B 129 -16.02 -14.55 7.88
N VAL B 130 -16.57 -14.36 6.67
CA VAL B 130 -16.21 -13.23 5.82
C VAL B 130 -17.44 -12.38 5.57
N CYS B 131 -17.28 -11.07 5.71
CA CYS B 131 -18.34 -10.12 5.42
C CYS B 131 -17.84 -9.22 4.29
N LEU B 132 -18.63 -9.11 3.23
CA LEU B 132 -18.28 -8.29 2.08
C LEU B 132 -19.16 -7.05 2.06
N LEU B 133 -18.54 -5.87 1.94
CA LEU B 133 -19.24 -4.60 1.74
C LEU B 133 -18.91 -4.15 0.33
N ASN B 134 -19.89 -4.15 -0.56
CA ASN B 134 -19.60 -3.98 -1.99
C ASN B 134 -20.03 -2.61 -2.51
N ASN B 135 -19.11 -1.94 -3.23
CA ASN B 135 -19.41 -0.80 -4.10
C ASN B 135 -20.09 0.35 -3.34
N PHE B 136 -19.36 0.90 -2.37
CA PHE B 136 -19.88 1.96 -1.54
C PHE B 136 -18.98 3.19 -1.63
N TYR B 137 -19.57 4.34 -1.29
CA TYR B 137 -18.82 5.58 -1.21
C TYR B 137 -19.54 6.41 -0.16
N PRO B 138 -18.79 7.08 0.77
CA PRO B 138 -17.34 7.21 0.90
C PRO B 138 -16.67 6.00 1.50
N ARG B 139 -15.34 6.09 1.58
CA ARG B 139 -14.53 4.94 1.98
C ARG B 139 -14.75 4.56 3.43
N GLU B 140 -15.12 5.51 4.29
CA GLU B 140 -15.29 5.23 5.71
C GLU B 140 -16.49 4.30 5.94
N ALA B 141 -16.26 3.19 6.63
CA ALA B 141 -17.31 2.21 6.92
C ALA B 141 -16.94 1.49 8.20
N LYS B 142 -17.94 0.99 8.93
CA LYS B 142 -17.71 0.29 10.18
C LYS B 142 -18.38 -1.07 10.17
N VAL B 143 -17.62 -2.11 10.47
CA VAL B 143 -18.10 -3.48 10.54
C VAL B 143 -18.02 -3.93 11.99
N GLN B 144 -19.14 -4.42 12.52
CA GLN B 144 -19.16 -5.00 13.86
C GLN B 144 -19.62 -6.44 13.73
N TRP B 145 -18.81 -7.37 14.22
CA TRP B 145 -19.19 -8.78 14.23
C TRP B 145 -19.92 -9.11 15.52
N LYS B 146 -20.97 -9.93 15.40
CA LYS B 146 -21.70 -10.44 16.56
C LYS B 146 -21.84 -11.94 16.46
N VAL B 147 -21.67 -12.61 17.59
CA VAL B 147 -21.81 -14.05 17.68
C VAL B 147 -22.77 -14.31 18.81
N ASP B 148 -23.94 -14.85 18.50
CA ASP B 148 -25.04 -14.99 19.48
C ASP B 148 -25.28 -13.68 20.21
N ASN B 149 -25.24 -12.58 19.44
CA ASN B 149 -25.49 -11.21 19.86
C ASN B 149 -24.35 -10.59 20.67
N ALA B 150 -23.25 -11.31 20.91
CA ALA B 150 -22.14 -10.79 21.67
C ALA B 150 -21.18 -10.04 20.75
N LEU B 151 -20.87 -8.80 21.11
CA LEU B 151 -20.00 -7.96 20.29
C LEU B 151 -18.59 -8.52 20.30
N GLN B 152 -18.05 -8.78 19.12
CA GLN B 152 -16.69 -9.30 18.98
C GLN B 152 -15.70 -8.16 18.95
N SER B 153 -14.51 -8.41 19.49
CA SER B 153 -13.47 -7.39 19.48
C SER B 153 -12.11 -8.08 19.39
N GLY B 154 -11.25 -7.59 18.50
CA GLY B 154 -9.89 -8.03 18.43
C GLY B 154 -9.63 -9.25 17.55
N ASN B 155 -10.67 -9.91 17.05
CA ASN B 155 -10.50 -11.13 16.27
C ASN B 155 -10.93 -10.97 14.81
N SER B 156 -10.87 -9.76 14.26
CA SER B 156 -11.16 -9.55 12.84
C SER B 156 -10.07 -8.70 12.20
N GLN B 157 -9.92 -8.85 10.88
CA GLN B 157 -9.08 -7.97 10.07
C GLN B 157 -9.83 -7.60 8.80
N GLU B 158 -9.52 -6.43 8.27
CA GLU B 158 -10.25 -5.97 7.10
C GLU B 158 -9.30 -5.33 6.08
N SER B 159 -9.78 -5.24 4.86
CA SER B 159 -8.99 -4.81 3.72
C SER B 159 -9.93 -4.10 2.75
N VAL B 160 -9.45 -3.03 2.10
CA VAL B 160 -10.28 -2.20 1.21
C VAL B 160 -9.63 -2.12 -0.16
N THR B 161 -10.45 -2.12 -1.21
CA THR B 161 -9.94 -1.94 -2.57
C THR B 161 -9.52 -0.50 -2.81
N GLU B 162 -8.80 -0.29 -3.92
CA GLU B 162 -8.60 1.06 -4.42
C GLU B 162 -9.91 1.59 -5.03
N GLN B 163 -9.99 2.90 -5.13
CA GLN B 163 -11.19 3.53 -5.68
C GLN B 163 -11.40 3.11 -7.12
N ASP B 164 -12.63 2.71 -7.45
CA ASP B 164 -12.94 2.25 -8.78
C ASP B 164 -12.86 3.40 -9.80
N SER B 165 -12.27 3.11 -10.96
CA SER B 165 -12.01 4.17 -11.93
C SER B 165 -13.28 4.66 -12.60
N LYS B 166 -14.33 3.83 -12.69
CA LYS B 166 -15.53 4.21 -13.40
C LYS B 166 -16.65 4.70 -12.49
N ASP B 167 -16.80 4.18 -11.27
CA ASP B 167 -17.91 4.61 -10.43
C ASP B 167 -17.47 5.20 -9.10
N SER B 168 -16.16 5.31 -8.86
CA SER B 168 -15.55 5.97 -7.69
C SER B 168 -15.90 5.28 -6.38
N THR B 169 -16.35 4.03 -6.40
CA THR B 169 -16.69 3.34 -5.17
C THR B 169 -15.53 2.49 -4.64
N TYR B 170 -15.73 2.00 -3.43
CA TYR B 170 -14.83 1.08 -2.74
C TYR B 170 -15.56 -0.21 -2.41
N SER B 171 -14.79 -1.26 -2.15
CA SER B 171 -15.32 -2.46 -1.53
C SER B 171 -14.44 -2.83 -0.34
N LEU B 172 -15.02 -3.54 0.63
CA LEU B 172 -14.30 -3.90 1.84
C LEU B 172 -14.59 -5.36 2.19
N SER B 173 -13.57 -6.05 2.68
CA SER B 173 -13.71 -7.44 3.11
C SER B 173 -13.20 -7.54 4.53
N SER B 174 -14.01 -8.09 5.42
CA SER B 174 -13.63 -8.30 6.81
C SER B 174 -13.71 -9.78 7.13
N THR B 175 -12.68 -10.29 7.78
CA THR B 175 -12.65 -11.70 8.18
C THR B 175 -12.64 -11.80 9.69
N LEU B 176 -13.62 -12.52 10.24
CA LEU B 176 -13.64 -12.89 11.65
C LEU B 176 -13.02 -14.27 11.79
N THR B 177 -12.02 -14.40 12.65
CA THR B 177 -11.32 -15.67 12.85
C THR B 177 -11.66 -16.24 14.23
N LEU B 178 -12.18 -17.47 14.24
CA LEU B 178 -12.54 -18.18 15.46
C LEU B 178 -11.91 -19.56 15.43
N SER B 179 -11.65 -20.11 16.62
CA SER B 179 -11.36 -21.53 16.69
C SER B 179 -12.59 -22.32 16.26
N LYS B 180 -12.36 -23.53 15.76
CA LYS B 180 -13.48 -24.44 15.50
C LYS B 180 -14.29 -24.68 16.76
N ALA B 181 -13.62 -24.92 17.90
CA ALA B 181 -14.34 -25.16 19.15
C ALA B 181 -15.27 -24.01 19.49
N ASP B 182 -14.81 -22.77 19.33
CA ASP B 182 -15.69 -21.63 19.59
C ASP B 182 -16.79 -21.56 18.55
N TYR B 183 -16.44 -21.76 17.28
CA TYR B 183 -17.43 -21.65 16.22
C TYR B 183 -18.63 -22.57 16.49
N GLU B 184 -18.36 -23.80 16.95
CA GLU B 184 -19.39 -24.80 17.14
C GLU B 184 -20.14 -24.66 18.45
N LYS B 185 -19.79 -23.67 19.28
CA LYS B 185 -20.51 -23.40 20.52
C LYS B 185 -21.61 -22.37 20.36
N HIS B 186 -21.78 -21.82 19.16
CA HIS B 186 -22.68 -20.70 18.96
C HIS B 186 -23.45 -20.90 17.66
N LYS B 187 -24.60 -20.21 17.58
CA LYS B 187 -25.56 -20.40 16.50
C LYS B 187 -25.57 -19.25 15.52
N VAL B 188 -25.73 -18.01 15.99
CA VAL B 188 -26.04 -16.88 15.14
C VAL B 188 -24.77 -16.07 14.90
N TYR B 189 -24.37 -15.96 13.64
CA TYR B 189 -23.19 -15.18 13.23
C TYR B 189 -23.66 -14.02 12.36
N ALA B 190 -23.31 -12.80 12.75
CA ALA B 190 -23.86 -11.61 12.13
C ALA B 190 -22.77 -10.57 11.93
N CYS B 191 -22.79 -9.88 10.80
CA CYS B 191 -21.97 -8.67 10.66
C CYS B 191 -22.92 -7.48 10.52
N GLU B 192 -22.69 -6.47 11.36
CA GLU B 192 -23.48 -5.25 11.40
C GLU B 192 -22.67 -4.12 10.79
N VAL B 193 -23.23 -3.44 9.80
CA VAL B 193 -22.50 -2.47 8.99
C VAL B 193 -23.10 -1.09 9.19
N THR B 194 -22.25 -0.12 9.50
CA THR B 194 -22.61 1.29 9.62
C THR B 194 -21.92 2.05 8.50
N HIS B 195 -22.66 2.94 7.85
CA HIS B 195 -22.11 3.69 6.75
C HIS B 195 -22.99 4.91 6.53
N GLN B 196 -22.40 5.97 5.99
CA GLN B 196 -23.13 7.22 5.79
C GLN B 196 -24.37 7.02 4.93
N GLY B 197 -24.32 6.12 3.95
CA GLY B 197 -25.47 5.87 3.11
C GLY B 197 -26.58 5.05 3.72
N LEU B 198 -26.44 4.66 5.00
CA LEU B 198 -27.43 3.85 5.70
C LEU B 198 -28.02 4.65 6.85
N SER B 199 -29.37 4.72 6.89
CA SER B 199 -30.05 5.43 7.97
C SER B 199 -29.96 4.67 9.29
N SER B 200 -29.87 3.35 9.22
CA SER B 200 -29.63 2.53 10.40
C SER B 200 -28.81 1.33 9.96
N PRO B 201 -28.07 0.70 10.87
CA PRO B 201 -27.11 -0.34 10.46
C PRO B 201 -27.82 -1.49 9.78
N VAL B 202 -27.12 -2.12 8.84
CA VAL B 202 -27.60 -3.30 8.14
C VAL B 202 -26.90 -4.52 8.72
N THR B 203 -27.67 -5.57 9.00
CA THR B 203 -27.11 -6.79 9.55
C THR B 203 -27.41 -7.96 8.61
N LYS B 204 -26.36 -8.68 8.23
CA LYS B 204 -26.51 -9.92 7.50
C LYS B 204 -26.07 -11.04 8.43
N SER B 205 -26.82 -12.14 8.48
CA SER B 205 -26.49 -13.19 9.43
C SER B 205 -26.79 -14.55 8.83
N PHE B 206 -26.27 -15.57 9.50
CA PHE B 206 -26.65 -16.95 9.24
C PHE B 206 -26.70 -17.68 10.56
N ASN B 207 -27.32 -18.86 10.54
CA ASN B 207 -27.35 -19.77 11.68
C ASN B 207 -26.52 -21.01 11.32
N ARG B 208 -25.48 -21.29 12.11
CA ARG B 208 -24.55 -22.39 11.83
C ARG B 208 -25.28 -23.71 11.63
#